data_1YHL
#
_entry.id   1YHL
#
_cell.length_a   58.152
_cell.length_b   58.152
_cell.length_c   389.512
_cell.angle_alpha   90.00
_cell.angle_beta   90.00
_cell.angle_gamma   120.00
#
_symmetry.space_group_name_H-M   'P 61 2 2'
#
loop_
_entity.id
_entity.type
_entity.pdbx_description
1 polymer 'farnesyl pyrophosphate synthase'
2 non-polymer 'MAGNESIUM ION'
3 non-polymer 'SULFATE ION'
4 non-polymer 'DIMETHYLALLYL DIPHOSPHATE'
5 non-polymer '1-HYDROXY-2-(3-PYRIDINYL)ETHYLIDENE BIS-PHOSPHONIC ACID'
6 water water
#
_entity_poly.entity_id   1
_entity_poly.type   'polypeptide(L)'
_entity_poly.pdbx_seq_one_letter_code
;MASMERFLSVYDEVQAFLLDQLQSKYEIDPNRARYLRIMMDTTCLGGKYFRGMTVVNVAEGFLAVTQHDEATKERILHDA
CVGGWMIEFLQAHYLVEDDIMDGSVMRRGKPCWYRFPGVTTQCAINDGIILKSWTQIMAWHYFADRPFLKDLLCLFQKVD
YATAVGQMYDVTSMCDSNKLDPEVAQPMTTDFAEFTPAIYKRIVKYKTTFYTYLLPLVMGLFVSEAAASVEMNLVERVAH
LIGEYFQVQDDVMDCFTPPEQLGKVGTDIEDAKCSWLAVTFLGKANAAQVAEFKANYGDKDPAKVAVVKRLYSEANLQAD
FAAYEAEVVREVESLIEQLKVKSPTFAESVAVVWEKTHKRKK
;
_entity_poly.pdbx_strand_id   A
#
# COMPACT_ATOMS: atom_id res chain seq x y z
N MET A 1 -12.25 17.67 0.17
CA MET A 1 -12.23 18.56 1.35
C MET A 1 -11.10 19.42 0.68
N ALA A 2 -10.76 20.66 1.04
CA ALA A 2 -9.20 20.64 0.97
C ALA A 2 -8.71 20.13 2.15
N SER A 3 -7.58 20.58 2.48
CA SER A 3 -6.62 19.68 2.71
C SER A 3 -6.47 18.92 1.38
N MET A 4 -7.43 18.08 0.94
CA MET A 4 -7.02 17.28 -0.22
C MET A 4 -6.89 17.97 -1.54
N GLU A 5 -7.73 18.99 -1.81
CA GLU A 5 -7.53 19.81 -3.02
C GLU A 5 -6.20 20.56 -2.95
N ARG A 6 -5.82 21.01 -1.75
CA ARG A 6 -4.56 21.70 -1.56
C ARG A 6 -3.42 20.72 -1.84
N PHE A 7 -3.55 19.50 -1.32
CA PHE A 7 -2.58 18.39 -1.62
C PHE A 7 -2.48 18.15 -3.13
N LEU A 8 -3.63 18.09 -3.83
CA LEU A 8 -3.63 17.87 -5.27
C LEU A 8 -3.01 19.04 -6.01
N SER A 9 -3.09 20.25 -5.42
CA SER A 9 -2.46 21.40 -6.07
C SER A 9 -0.92 21.25 -6.14
N VAL A 10 -0.38 20.61 -5.14
CA VAL A 10 1.07 20.32 -5.04
C VAL A 10 1.40 19.22 -6.06
N TYR A 11 0.51 18.25 -6.23
CA TYR A 11 0.70 17.33 -7.35
C TYR A 11 0.85 18.09 -8.68
N ASP A 12 -0.01 19.09 -8.90
CA ASP A 12 0.11 19.91 -10.14
C ASP A 12 1.49 20.54 -10.29
N GLU A 13 2.07 21.08 -9.17
CA GLU A 13 3.37 21.73 -9.24
C GLU A 13 4.43 20.70 -9.57
N VAL A 14 4.36 19.58 -8.88
CA VAL A 14 5.34 18.49 -9.08
C VAL A 14 5.24 17.95 -10.55
N GLN A 15 4.02 17.68 -11.04
CA GLN A 15 3.93 17.23 -12.41
C GLN A 15 4.57 18.26 -13.36
N ALA A 16 4.28 19.55 -13.15
CA ALA A 16 4.83 20.56 -14.10
C ALA A 16 6.35 20.63 -14.01
N PHE A 17 6.88 20.53 -12.80
CA PHE A 17 8.31 20.55 -12.67
C PHE A 17 8.91 19.33 -13.41
N LEU A 18 8.33 18.15 -13.19
CA LEU A 18 8.84 16.97 -13.84
C LEU A 18 8.75 17.00 -15.34
N LEU A 19 7.61 17.42 -15.86
CA LEU A 19 7.46 17.45 -17.30
C LEU A 19 8.23 18.58 -17.96
N ASP A 20 8.40 19.74 -17.25
CA ASP A 20 9.21 20.83 -17.81
C ASP A 20 10.65 20.38 -17.84
N GLN A 21 11.10 19.67 -16.79
CA GLN A 21 12.45 19.10 -16.82
C GLN A 21 12.71 18.12 -18.01
N LEU A 22 11.74 17.26 -18.27
CA LEU A 22 11.89 16.34 -19.38
C LEU A 22 12.08 17.11 -20.72
N GLN A 23 11.43 18.25 -20.84
CA GLN A 23 11.53 19.02 -22.12
C GLN A 23 12.84 19.75 -22.12
N SER A 24 13.13 20.41 -20.99
CA SER A 24 14.32 21.22 -20.93
C SER A 24 15.66 20.45 -20.83
N LYS A 25 15.66 19.29 -20.16
CA LYS A 25 16.89 18.52 -19.96
C LYS A 25 16.99 17.15 -20.65
N TYR A 26 15.86 16.55 -21.06
CA TYR A 26 15.84 15.18 -21.51
C TYR A 26 15.38 15.08 -22.94
N GLU A 27 15.27 16.23 -23.58
CA GLU A 27 15.01 16.32 -25.03
C GLU A 27 13.70 15.72 -25.42
N ILE A 28 12.73 15.67 -24.51
CA ILE A 28 11.49 14.94 -24.80
C ILE A 28 10.69 15.69 -25.84
N ASP A 29 9.97 14.94 -26.66
CA ASP A 29 9.00 15.60 -27.60
C ASP A 29 7.61 15.78 -26.94
N PRO A 30 6.78 16.74 -27.45
CA PRO A 30 5.46 16.98 -26.77
C PRO A 30 4.56 15.77 -26.73
N ASN A 31 4.60 14.90 -27.71
CA ASN A 31 3.73 13.73 -27.61
C ASN A 31 4.17 12.68 -26.57
N ARG A 32 5.49 12.48 -26.40
CA ARG A 32 5.94 11.60 -25.29
C ARG A 32 5.71 12.26 -23.93
N ALA A 33 5.79 13.60 -23.90
CA ALA A 33 5.45 14.32 -22.69
C ALA A 33 4.01 14.08 -22.29
N ARG A 34 3.13 14.14 -23.29
CA ARG A 34 1.72 13.92 -23.04
C ARG A 34 1.45 12.47 -22.60
N TYR A 35 2.13 11.49 -23.21
CA TYR A 35 1.99 10.14 -22.76
C TYR A 35 2.41 10.05 -21.25
N LEU A 36 3.53 10.63 -20.88
CA LEU A 36 3.97 10.49 -19.48
C LEU A 36 3.08 11.24 -18.53
N ARG A 37 2.49 12.35 -19.01
CA ARG A 37 1.48 13.07 -18.24
C ARG A 37 0.25 12.27 -17.94
N ILE A 38 -0.32 11.59 -18.95
CA ILE A 38 -1.50 10.74 -18.76
C ILE A 38 -1.09 9.52 -17.94
N MET A 39 0.11 8.96 -18.23
CA MET A 39 0.59 7.87 -17.37
C MET A 39 0.59 8.25 -15.87
N MET A 40 1.17 9.41 -15.54
CA MET A 40 1.27 9.87 -14.14
C MET A 40 -0.12 10.09 -13.57
N ASP A 41 -1.01 10.75 -14.32
CA ASP A 41 -2.41 10.94 -13.86
C ASP A 41 -3.11 9.62 -13.64
N THR A 42 -2.90 8.63 -14.53
CA THR A 42 -3.70 7.41 -14.47
C THR A 42 -3.26 6.56 -13.27
N THR A 43 -1.96 6.60 -13.04
CA THR A 43 -1.35 5.71 -12.04
C THR A 43 -1.31 6.30 -10.65
N CYS A 44 -1.27 7.64 -10.57
CA CYS A 44 -1.09 8.39 -9.26
C CYS A 44 -2.39 8.96 -8.68
N LEU A 45 -3.40 9.16 -9.52
CA LEU A 45 -4.57 9.88 -9.09
C LEU A 45 -5.78 8.93 -9.08
N GLY A 46 -6.82 9.32 -8.37
CA GLY A 46 -8.12 8.63 -8.41
C GLY A 46 -8.33 7.70 -7.21
N GLY A 47 -7.33 7.63 -6.33
CA GLY A 47 -7.47 6.78 -5.13
C GLY A 47 -7.95 7.71 -4.02
N LYS A 48 -7.77 7.25 -2.78
CA LYS A 48 -8.17 7.99 -1.59
C LYS A 48 -7.06 8.90 -1.02
N TYR A 49 -5.81 8.74 -1.49
CA TYR A 49 -4.71 9.57 -0.99
C TYR A 49 -4.48 9.34 0.50
N PHE A 50 -4.80 8.15 1.01
CA PHE A 50 -4.60 7.86 2.45
C PHE A 50 -3.12 8.10 2.86
N ARG A 51 -2.20 7.52 2.11
CA ARG A 51 -0.78 7.59 2.44
C ARG A 51 -0.33 9.06 2.45
N GLY A 52 -0.61 9.78 1.35
CA GLY A 52 -0.07 11.11 1.23
C GLY A 52 -0.69 12.00 2.32
N MET A 53 -1.99 11.87 2.52
CA MET A 53 -2.72 12.73 3.46
C MET A 53 -2.38 12.38 4.88
N THR A 54 -1.84 11.17 5.10
CA THR A 54 -1.31 10.83 6.41
C THR A 54 -0.10 11.70 6.77
N VAL A 55 0.77 11.95 5.82
CA VAL A 55 1.93 12.80 6.18
C VAL A 55 1.47 14.22 6.48
N VAL A 56 0.51 14.72 5.69
CA VAL A 56 -0.08 16.03 5.97
C VAL A 56 -0.70 16.08 7.37
N ASN A 57 -1.52 15.07 7.72
CA ASN A 57 -2.13 15.00 9.06
C ASN A 57 -1.09 15.09 10.21
N VAL A 58 -0.01 14.31 10.09
CA VAL A 58 1.02 14.27 11.12
C VAL A 58 1.68 15.66 11.19
N ALA A 59 2.03 16.21 10.05
CA ALA A 59 2.62 17.57 10.03
C ALA A 59 1.68 18.60 10.70
N GLU A 60 0.37 18.55 10.36
CA GLU A 60 -0.60 19.55 10.88
C GLU A 60 -0.71 19.45 12.40
N GLY A 61 -0.66 18.20 12.90
CA GLY A 61 -0.63 17.89 14.34
C GLY A 61 0.46 18.69 15.05
N PHE A 62 1.69 18.61 14.55
CA PHE A 62 2.79 19.35 15.18
C PHE A 62 2.74 20.86 14.99
N LEU A 63 2.29 21.33 13.84
CA LEU A 63 2.19 22.76 13.62
C LEU A 63 1.26 23.40 14.64
N ALA A 64 0.18 22.69 15.01
CA ALA A 64 -0.80 23.22 16.00
C ALA A 64 -0.17 23.51 17.36
N VAL A 65 0.92 22.85 17.68
CA VAL A 65 1.49 22.94 19.03
C VAL A 65 2.89 23.54 19.04
N THR A 66 3.40 23.95 17.89
CA THR A 66 4.80 24.36 17.83
C THR A 66 4.86 25.81 17.33
N GLN A 67 5.75 26.61 17.88
CA GLN A 67 5.84 27.99 17.43
C GLN A 67 6.69 28.07 16.16
N HIS A 68 6.16 28.76 15.14
CA HIS A 68 6.88 28.91 13.88
C HIS A 68 6.44 30.20 13.26
N ASP A 69 7.32 30.82 12.52
CA ASP A 69 6.93 31.91 11.66
C ASP A 69 5.89 31.40 10.63
N GLU A 70 5.12 32.31 10.07
CA GLU A 70 4.12 31.93 9.06
C GLU A 70 4.79 31.25 7.86
N ALA A 71 5.84 31.86 7.34
CA ALA A 71 6.52 31.32 6.17
C ALA A 71 7.04 29.89 6.43
N THR A 72 7.48 29.62 7.68
CA THR A 72 7.93 28.30 8.08
C THR A 72 6.78 27.27 8.03
N LYS A 73 5.63 27.63 8.59
CA LYS A 73 4.41 26.88 8.48
C LYS A 73 4.10 26.55 7.05
N GLU A 74 4.16 27.53 6.17
CA GLU A 74 3.88 27.28 4.77
C GLU A 74 4.83 26.25 4.16
N ARG A 75 6.11 26.37 4.51
CA ARG A 75 7.15 25.46 4.02
C ARG A 75 6.94 24.06 4.53
N ILE A 76 6.61 23.93 5.82
CA ILE A 76 6.39 22.61 6.37
C ILE A 76 5.20 21.92 5.67
N LEU A 77 4.07 22.63 5.52
CA LEU A 77 2.93 22.03 4.83
C LEU A 77 3.29 21.59 3.43
N HIS A 78 4.04 22.42 2.71
CA HIS A 78 4.42 22.13 1.30
C HIS A 78 5.35 20.91 1.28
N ASP A 79 6.33 20.85 2.17
CA ASP A 79 7.17 19.68 2.29
C ASP A 79 6.32 18.44 2.61
N ALA A 80 5.33 18.56 3.51
CA ALA A 80 4.42 17.41 3.85
C ALA A 80 3.73 16.93 2.57
N CYS A 81 3.26 17.87 1.75
CA CYS A 81 2.59 17.48 0.50
C CYS A 81 3.54 16.80 -0.46
N VAL A 82 4.73 17.37 -0.66
CA VAL A 82 5.67 16.74 -1.60
C VAL A 82 6.08 15.32 -1.07
N GLY A 83 6.28 15.20 0.26
CA GLY A 83 6.70 13.96 0.88
C GLY A 83 5.52 12.97 0.67
N GLY A 84 4.30 13.46 0.84
CA GLY A 84 3.10 12.65 0.64
C GLY A 84 2.99 12.13 -0.80
N TRP A 85 3.21 13.00 -1.77
CA TRP A 85 3.36 12.56 -3.17
C TRP A 85 4.49 11.58 -3.48
N MET A 86 5.66 11.72 -2.83
CA MET A 86 6.66 10.65 -3.06
C MET A 86 6.09 9.27 -2.73
N ILE A 87 5.35 9.20 -1.64
CA ILE A 87 4.80 7.86 -1.24
C ILE A 87 3.69 7.41 -2.21
N GLU A 88 2.82 8.35 -2.60
CA GLU A 88 1.73 8.05 -3.53
C GLU A 88 2.34 7.56 -4.81
N PHE A 89 3.48 8.14 -5.24
CA PHE A 89 4.11 7.69 -6.53
C PHE A 89 4.87 6.37 -6.30
N LEU A 90 5.40 6.13 -5.08
CA LEU A 90 6.06 4.84 -4.82
C LEU A 90 4.97 3.73 -4.86
N GLN A 91 3.82 4.05 -4.24
CA GLN A 91 2.66 3.17 -4.33
C GLN A 91 2.21 2.93 -5.77
N ALA A 92 2.16 4.01 -6.54
CA ALA A 92 1.80 3.92 -7.99
C ALA A 92 2.70 2.95 -8.76
N HIS A 93 4.01 3.02 -8.50
CA HIS A 93 4.98 2.16 -9.05
C HIS A 93 4.63 0.73 -8.67
N TYR A 94 4.45 0.45 -7.37
CA TYR A 94 4.12 -0.97 -6.98
C TYR A 94 2.82 -1.48 -7.60
N LEU A 95 1.81 -0.62 -7.71
CA LEU A 95 0.48 -1.09 -8.20
C LEU A 95 0.56 -1.39 -9.69
N VAL A 96 1.28 -0.54 -10.44
CA VAL A 96 1.44 -0.81 -11.89
C VAL A 96 2.09 -2.22 -12.07
N GLU A 97 3.18 -2.49 -11.35
CA GLU A 97 3.84 -3.81 -11.54
C GLU A 97 3.03 -4.94 -10.94
N ASP A 98 2.38 -4.66 -9.84
CA ASP A 98 1.54 -5.67 -9.11
C ASP A 98 0.35 -6.14 -10.05
N ASP A 99 -0.29 -5.18 -10.72
CA ASP A 99 -1.40 -5.53 -11.60
C ASP A 99 -0.99 -6.45 -12.72
N ILE A 100 0.20 -6.29 -13.26
CA ILE A 100 0.78 -7.21 -14.26
C ILE A 100 1.02 -8.56 -13.59
N MET A 101 1.65 -8.54 -12.42
CA MET A 101 2.01 -9.80 -11.79
C MET A 101 0.79 -10.60 -11.32
N ASP A 102 -0.28 -9.87 -11.00
CA ASP A 102 -1.49 -10.48 -10.50
C ASP A 102 -2.53 -10.86 -11.57
N GLY A 103 -2.26 -10.42 -12.79
CA GLY A 103 -3.18 -10.58 -13.92
C GLY A 103 -4.51 -9.86 -13.69
N SER A 104 -4.46 -8.66 -13.10
CA SER A 104 -5.68 -7.98 -12.70
C SER A 104 -6.24 -7.19 -13.88
N VAL A 105 -7.52 -6.81 -13.83
CA VAL A 105 -8.13 -6.12 -14.98
C VAL A 105 -8.48 -4.65 -14.69
N MET A 106 -8.78 -4.32 -13.45
CA MET A 106 -9.32 -2.99 -13.11
C MET A 106 -8.60 -2.47 -11.91
N ARG A 107 -8.35 -1.16 -11.89
CA ARG A 107 -7.70 -0.48 -10.76
C ARG A 107 -8.39 0.89 -10.70
N ARG A 108 -8.90 1.30 -9.53
CA ARG A 108 -9.53 2.64 -9.35
C ARG A 108 -10.65 2.88 -10.39
N GLY A 109 -11.36 1.77 -10.73
CA GLY A 109 -12.55 1.75 -11.62
C GLY A 109 -12.21 1.91 -13.09
N LYS A 110 -10.91 1.79 -13.42
CA LYS A 110 -10.46 1.84 -14.79
C LYS A 110 -9.59 0.63 -15.13
N PRO A 111 -9.32 0.40 -16.41
CA PRO A 111 -8.41 -0.70 -16.70
C PRO A 111 -7.05 -0.49 -15.97
N CYS A 112 -6.51 -1.58 -15.44
CA CYS A 112 -5.07 -1.58 -15.11
C CYS A 112 -4.30 -0.89 -16.19
N TRP A 113 -3.27 -0.16 -15.78
CA TRP A 113 -2.45 0.58 -16.76
C TRP A 113 -1.89 -0.27 -17.93
N TYR A 114 -1.36 -1.45 -17.62
CA TYR A 114 -0.85 -2.35 -18.66
C TYR A 114 -1.99 -2.77 -19.63
N ARG A 115 -3.26 -2.72 -19.21
CA ARG A 115 -4.35 -3.11 -20.15
C ARG A 115 -4.85 -1.99 -21.00
N PHE A 116 -4.36 -0.76 -20.80
CA PHE A 116 -4.69 0.31 -21.77
C PHE A 116 -4.19 -0.15 -23.13
N PRO A 117 -5.03 -0.03 -24.15
CA PRO A 117 -4.65 -0.60 -25.45
C PRO A 117 -3.27 -0.15 -26.00
N GLY A 118 -3.01 1.13 -25.79
CA GLY A 118 -1.84 1.83 -26.31
C GLY A 118 -0.71 1.77 -25.30
N VAL A 119 -0.86 0.96 -24.24
CA VAL A 119 0.21 0.75 -23.25
C VAL A 119 0.87 -0.66 -23.36
N THR A 120 0.17 -1.66 -22.83
CA THR A 120 0.55 -3.10 -22.88
C THR A 120 1.65 -3.37 -21.86
N THR A 121 1.90 -4.65 -21.59
CA THR A 121 2.89 -5.01 -20.56
C THR A 121 4.25 -4.41 -20.86
N GLN A 122 4.59 -4.37 -22.15
CA GLN A 122 5.88 -3.93 -22.59
C GLN A 122 6.22 -2.53 -22.10
N CYS A 123 5.29 -1.60 -22.30
CA CYS A 123 5.54 -0.24 -21.85
C CYS A 123 5.34 -0.03 -20.36
N ALA A 124 4.34 -0.72 -19.80
CA ALA A 124 3.90 -0.45 -18.50
C ALA A 124 5.02 -0.85 -17.52
N ILE A 125 5.81 -1.86 -17.87
CA ILE A 125 6.86 -2.28 -16.92
C ILE A 125 7.79 -1.10 -16.69
N ASN A 126 8.21 -0.49 -17.79
CA ASN A 126 9.12 0.65 -17.76
C ASN A 126 8.45 1.91 -17.21
N ASP A 127 7.17 2.13 -17.54
CA ASP A 127 6.46 3.24 -16.88
C ASP A 127 6.43 3.08 -15.35
N GLY A 128 6.17 1.89 -14.85
CA GLY A 128 6.26 1.71 -13.35
C GLY A 128 7.64 2.04 -12.78
N ILE A 129 8.66 1.64 -13.51
CA ILE A 129 10.03 2.03 -13.16
C ILE A 129 10.26 3.55 -13.12
N ILE A 130 9.75 4.23 -14.14
CA ILE A 130 9.77 5.71 -14.13
C ILE A 130 9.06 6.31 -12.93
N LEU A 131 7.90 5.76 -12.58
CA LEU A 131 7.18 6.32 -11.41
C LEU A 131 8.06 6.35 -10.14
N LYS A 132 8.79 5.25 -9.90
CA LYS A 132 9.67 5.23 -8.72
C LYS A 132 10.84 6.19 -8.88
N SER A 133 11.43 6.24 -10.06
CA SER A 133 12.47 7.23 -10.27
C SER A 133 12.03 8.65 -10.01
N TRP A 134 10.83 9.01 -10.42
CA TRP A 134 10.35 10.35 -10.14
C TRP A 134 10.32 10.64 -8.67
N THR A 135 10.14 9.61 -7.82
CA THR A 135 10.16 9.85 -6.36
C THR A 135 11.50 10.40 -5.89
N GLN A 136 12.57 9.93 -6.47
CA GLN A 136 13.91 10.37 -6.11
C GLN A 136 14.19 11.74 -6.71
N ILE A 137 13.71 12.01 -7.92
CA ILE A 137 13.83 13.41 -8.47
C ILE A 137 13.16 14.43 -7.58
N MET A 138 11.96 14.11 -7.10
CA MET A 138 11.22 14.97 -6.20
C MET A 138 12.04 15.24 -4.97
N ALA A 139 12.52 14.16 -4.35
CA ALA A 139 13.25 14.28 -3.09
C ALA A 139 14.47 15.17 -3.25
N TRP A 140 15.33 14.84 -4.24
CA TRP A 140 16.55 15.61 -4.44
C TRP A 140 16.28 17.07 -4.80
N HIS A 141 15.23 17.31 -5.58
CA HIS A 141 14.96 18.68 -5.97
C HIS A 141 14.33 19.51 -4.77
N TYR A 142 13.21 19.02 -4.20
CA TYR A 142 12.48 19.76 -3.18
C TYR A 142 13.20 19.78 -1.84
N PHE A 143 13.93 18.72 -1.52
CA PHE A 143 14.48 18.65 -0.15
C PHE A 143 16.01 18.84 -0.07
N ALA A 144 16.59 19.22 -1.21
CA ALA A 144 18.07 19.44 -1.40
C ALA A 144 18.76 20.00 -0.17
N ASP A 145 18.16 21.03 0.41
CA ASP A 145 18.79 21.69 1.58
C ASP A 145 18.17 21.35 2.91
N ARG A 146 17.23 20.41 2.96
CA ARG A 146 16.62 20.06 4.22
C ARG A 146 17.51 19.21 5.15
N PRO A 147 17.44 19.50 6.47
CA PRO A 147 18.20 18.66 7.38
C PRO A 147 17.83 17.16 7.31
N PHE A 148 16.58 16.86 6.95
CA PHE A 148 16.08 15.53 7.00
C PHE A 148 16.32 14.71 5.73
N LEU A 149 17.07 15.26 4.76
CA LEU A 149 17.17 14.68 3.44
C LEU A 149 17.78 13.33 3.53
N LYS A 150 18.91 13.21 4.21
CA LYS A 150 19.60 11.90 4.31
C LYS A 150 18.78 10.84 5.04
N ASP A 151 18.19 11.19 6.18
CA ASP A 151 17.34 10.21 6.87
C ASP A 151 16.18 9.75 6.02
N LEU A 152 15.60 10.69 5.31
CA LEU A 152 14.45 10.42 4.45
C LEU A 152 14.86 9.46 3.32
N LEU A 153 15.93 9.79 2.56
CA LEU A 153 16.43 8.85 1.50
C LEU A 153 16.70 7.46 2.06
N CYS A 154 17.33 7.39 3.22
CA CYS A 154 17.72 6.08 3.74
C CYS A 154 16.47 5.24 4.14
N LEU A 155 15.51 5.86 4.82
CA LEU A 155 14.23 5.23 5.16
C LEU A 155 13.42 4.85 3.92
N PHE A 156 13.38 5.75 2.95
CA PHE A 156 12.69 5.45 1.71
C PHE A 156 13.23 4.19 1.02
N GLN A 157 14.57 4.11 0.86
CA GLN A 157 15.32 2.92 0.34
C GLN A 157 14.88 1.64 1.09
N LYS A 158 14.96 1.65 2.41
CA LYS A 158 14.62 0.45 3.19
C LYS A 158 13.15 0.05 3.06
N VAL A 159 12.22 1.03 3.08
CA VAL A 159 10.80 0.72 2.88
C VAL A 159 10.60 0.07 1.49
N ASP A 160 11.19 0.70 0.45
CA ASP A 160 11.10 0.17 -0.88
C ASP A 160 11.61 -1.24 -0.94
N TYR A 161 12.79 -1.51 -0.42
CA TYR A 161 13.32 -2.86 -0.46
C TYR A 161 12.44 -3.84 0.29
N ALA A 162 11.98 -3.47 1.47
CA ALA A 162 11.09 -4.37 2.22
C ALA A 162 9.88 -4.70 1.37
N THR A 163 9.32 -3.73 0.69
CA THR A 163 8.15 -3.94 -0.18
C THR A 163 8.45 -4.92 -1.32
N ALA A 164 9.58 -4.75 -2.00
CA ALA A 164 9.93 -5.68 -3.11
C ALA A 164 10.17 -7.11 -2.62
N VAL A 165 10.84 -7.22 -1.51
CA VAL A 165 11.01 -8.53 -0.80
C VAL A 165 9.62 -9.13 -0.48
N GLY A 166 8.81 -8.32 0.14
CA GLY A 166 7.42 -8.73 0.38
C GLY A 166 6.64 -9.17 -0.86
N GLN A 167 6.76 -8.41 -1.94
CA GLN A 167 6.14 -8.85 -3.19
C GLN A 167 6.67 -10.23 -3.69
N MET A 168 7.98 -10.51 -3.47
CA MET A 168 8.48 -11.84 -3.78
C MET A 168 7.78 -12.91 -2.89
N TYR A 169 7.67 -12.63 -1.58
CA TYR A 169 6.97 -13.58 -0.67
C TYR A 169 5.55 -13.82 -1.18
N ASP A 170 4.90 -12.74 -1.64
CA ASP A 170 3.49 -12.84 -2.10
C ASP A 170 3.31 -13.65 -3.41
N VAL A 171 4.08 -13.31 -4.41
CA VAL A 171 3.91 -13.90 -5.69
C VAL A 171 4.29 -15.39 -5.69
N THR A 172 5.09 -15.79 -4.70
CA THR A 172 5.47 -17.21 -4.59
C THR A 172 4.72 -17.90 -3.42
N SER A 173 3.68 -17.28 -2.87
CA SER A 173 3.06 -17.80 -1.64
C SER A 173 2.22 -19.09 -1.84
N MET A 174 1.95 -19.42 -3.09
CA MET A 174 1.21 -20.62 -3.53
C MET A 174 2.13 -21.81 -4.01
N CYS A 175 3.43 -21.63 -3.96
CA CYS A 175 4.39 -22.69 -4.29
C CYS A 175 4.88 -23.30 -2.97
N ASP A 176 5.20 -24.58 -2.98
CA ASP A 176 5.93 -25.11 -1.81
C ASP A 176 7.35 -24.58 -1.80
N SER A 177 7.79 -24.10 -0.65
CA SER A 177 9.13 -23.50 -0.52
C SER A 177 10.22 -24.42 -0.97
N ASN A 178 10.14 -25.70 -0.60
CA ASN A 178 11.14 -26.68 -0.95
C ASN A 178 11.13 -27.02 -2.43
N LYS A 179 10.10 -26.63 -3.17
CA LYS A 179 10.09 -26.76 -4.61
C LYS A 179 10.49 -25.56 -5.46
N LEU A 180 10.72 -24.41 -4.88
CA LEU A 180 11.19 -23.24 -5.65
C LEU A 180 12.51 -23.52 -6.31
N ASP A 181 12.59 -23.24 -7.59
CA ASP A 181 13.75 -23.58 -8.35
C ASP A 181 13.59 -22.85 -9.67
N PRO A 182 14.46 -21.88 -9.94
CA PRO A 182 14.40 -21.19 -11.25
C PRO A 182 14.41 -22.13 -12.42
N GLU A 183 15.06 -23.28 -12.26
CA GLU A 183 15.14 -24.25 -13.38
C GLU A 183 13.83 -25.06 -13.66
N VAL A 184 12.87 -25.11 -12.74
CA VAL A 184 11.69 -26.02 -12.86
C VAL A 184 10.42 -25.22 -12.75
N ALA A 185 9.51 -25.39 -13.72
CA ALA A 185 8.27 -24.60 -13.67
C ALA A 185 7.52 -24.84 -12.35
N GLN A 186 7.09 -23.75 -11.71
CA GLN A 186 6.56 -23.83 -10.35
C GLN A 186 5.10 -24.42 -10.36
N PRO A 187 4.91 -25.59 -9.75
CA PRO A 187 3.53 -26.14 -9.53
C PRO A 187 2.89 -25.57 -8.23
N MET A 188 1.58 -25.46 -8.23
CA MET A 188 0.90 -24.94 -7.04
C MET A 188 1.01 -25.99 -5.91
N THR A 189 1.15 -25.53 -4.66
CA THR A 189 1.00 -26.39 -3.48
C THR A 189 -0.29 -27.23 -3.55
N THR A 190 -0.18 -28.46 -3.08
CA THR A 190 -1.38 -29.28 -2.89
C THR A 190 -1.67 -29.45 -1.42
N ASP A 191 -0.69 -29.25 -0.55
CA ASP A 191 -0.96 -29.42 0.88
C ASP A 191 -1.38 -28.15 1.61
N PHE A 192 -1.02 -26.98 1.06
CA PHE A 192 -1.38 -25.72 1.66
C PHE A 192 -0.78 -25.56 3.05
N ALA A 193 0.32 -26.27 3.30
CA ALA A 193 0.97 -26.28 4.62
C ALA A 193 1.55 -24.92 4.92
N GLU A 194 1.84 -24.12 3.88
CA GLU A 194 2.40 -22.80 4.15
C GLU A 194 1.35 -21.71 4.21
N PHE A 195 0.07 -22.10 4.28
CA PHE A 195 -1.00 -21.11 4.50
C PHE A 195 -1.29 -21.04 6.01
N THR A 196 -0.40 -20.40 6.76
CA THR A 196 -0.49 -20.30 8.23
C THR A 196 -0.57 -18.81 8.57
N PRO A 197 -1.12 -18.46 9.74
CA PRO A 197 -1.12 -17.05 10.22
C PRO A 197 0.29 -16.43 10.28
N ALA A 198 1.31 -17.22 10.69
CA ALA A 198 2.68 -16.70 10.78
C ALA A 198 3.20 -16.35 9.42
N ILE A 199 2.97 -17.26 8.46
CA ILE A 199 3.44 -16.97 7.10
C ILE A 199 2.68 -15.80 6.44
N TYR A 200 1.38 -15.85 6.56
CA TYR A 200 0.55 -14.72 6.18
C TYR A 200 1.05 -13.38 6.74
N LYS A 201 1.29 -13.34 8.05
CA LYS A 201 1.77 -12.15 8.72
C LYS A 201 3.09 -11.62 8.12
N ARG A 202 4.02 -12.51 7.83
CA ARG A 202 5.30 -12.16 7.23
C ARG A 202 5.07 -11.61 5.82
N ILE A 203 4.27 -12.27 4.96
CA ILE A 203 4.07 -11.75 3.62
C ILE A 203 3.55 -10.30 3.75
N VAL A 204 2.53 -10.15 4.60
CA VAL A 204 1.78 -8.88 4.67
C VAL A 204 2.69 -7.80 5.26
N LYS A 205 3.44 -8.14 6.31
CA LYS A 205 4.35 -7.18 6.97
C LYS A 205 5.25 -6.57 5.91
N TYR A 206 5.86 -7.43 5.09
CA TYR A 206 6.78 -6.85 4.07
C TYR A 206 6.13 -6.21 2.85
N LYS A 207 5.14 -6.87 2.26
CA LYS A 207 4.60 -6.34 1.02
C LYS A 207 3.79 -5.09 1.16
N THR A 208 3.21 -4.87 2.37
CA THR A 208 2.28 -3.76 2.47
C THR A 208 2.59 -2.80 3.57
N THR A 209 2.93 -3.30 4.75
CA THR A 209 2.89 -2.36 5.88
C THR A 209 3.99 -1.26 5.92
N PHE A 210 5.14 -1.52 5.29
CA PHE A 210 6.22 -0.48 5.33
C PHE A 210 5.82 0.77 4.58
N TYR A 211 5.26 0.61 3.38
CA TYR A 211 4.89 1.80 2.62
C TYR A 211 3.53 2.37 2.93
N THR A 212 2.58 1.57 3.44
CA THR A 212 1.23 2.17 3.65
C THR A 212 1.10 2.93 5.00
N TYR A 213 1.86 2.50 6.02
CA TYR A 213 1.76 3.10 7.33
C TYR A 213 3.13 3.55 7.87
N LEU A 214 4.14 2.73 7.79
CA LEU A 214 5.38 3.13 8.44
C LEU A 214 5.92 4.39 7.74
N LEU A 215 6.03 4.36 6.42
CA LEU A 215 6.64 5.51 5.71
C LEU A 215 5.91 6.82 5.88
N PRO A 216 4.58 6.83 5.68
CA PRO A 216 3.92 8.11 5.83
C PRO A 216 3.98 8.70 7.25
N LEU A 217 3.84 7.83 8.24
CA LEU A 217 3.86 8.33 9.64
C LEU A 217 5.27 8.92 9.93
N VAL A 218 6.32 8.21 9.53
CA VAL A 218 7.70 8.75 9.79
C VAL A 218 8.06 9.94 8.89
N MET A 219 7.62 9.93 7.63
CA MET A 219 7.75 11.09 6.80
C MET A 219 7.10 12.37 7.44
N GLY A 220 5.96 12.20 8.10
CA GLY A 220 5.30 13.36 8.70
C GLY A 220 6.21 13.84 9.83
N LEU A 221 6.81 12.92 10.55
CA LEU A 221 7.80 13.30 11.60
C LEU A 221 9.03 14.01 11.04
N PHE A 222 9.53 13.51 9.91
CA PHE A 222 10.75 14.07 9.29
C PHE A 222 10.47 15.53 8.87
N VAL A 223 9.41 15.76 8.13
CA VAL A 223 9.11 17.12 7.64
C VAL A 223 8.81 18.07 8.80
N SER A 224 8.42 17.52 9.96
CA SER A 224 8.16 18.25 11.17
C SER A 224 9.40 18.39 12.06
N GLU A 225 10.51 17.81 11.65
CA GLU A 225 11.71 17.71 12.48
C GLU A 225 11.37 17.22 13.89
N ALA A 226 10.56 16.16 14.00
CA ALA A 226 10.04 15.74 15.31
C ALA A 226 10.32 14.24 15.61
N ALA A 227 11.15 13.61 14.81
CA ALA A 227 11.36 12.15 14.84
C ALA A 227 11.91 11.78 16.23
N ALA A 228 12.81 12.64 16.73
CA ALA A 228 13.47 12.33 17.98
C ALA A 228 12.50 12.46 19.10
N SER A 229 11.35 13.07 18.87
CA SER A 229 10.33 13.24 19.92
C SER A 229 9.30 12.10 20.08
N VAL A 230 9.50 10.94 19.39
CA VAL A 230 8.64 9.76 19.55
C VAL A 230 9.53 8.57 19.85
N GLU A 231 8.96 7.51 20.41
CA GLU A 231 9.64 6.20 20.49
C GLU A 231 9.51 5.41 19.16
N MET A 232 10.61 5.28 18.41
CA MET A 232 10.51 4.73 17.07
C MET A 232 10.01 3.27 17.16
N ASN A 233 10.36 2.51 18.20
CA ASN A 233 9.85 1.14 18.32
C ASN A 233 8.34 1.07 18.35
N LEU A 234 7.71 2.07 18.95
CA LEU A 234 6.25 2.11 18.96
C LEU A 234 5.65 2.51 17.61
N VAL A 235 6.32 3.42 16.90
CA VAL A 235 5.83 3.81 15.61
C VAL A 235 5.82 2.54 14.75
N GLU A 236 6.89 1.76 14.79
CA GLU A 236 6.99 0.59 13.95
C GLU A 236 5.97 -0.45 14.29
N ARG A 237 5.77 -0.73 15.59
CA ARG A 237 4.74 -1.67 15.98
C ARG A 237 3.36 -1.27 15.53
N VAL A 238 2.99 -0.02 15.72
CA VAL A 238 1.64 0.39 15.40
C VAL A 238 1.47 0.44 13.88
N ALA A 239 2.52 0.90 13.14
CA ALA A 239 2.47 0.83 11.66
C ALA A 239 2.21 -0.57 11.17
N HIS A 240 2.98 -1.53 11.67
CA HIS A 240 2.91 -2.87 11.19
C HIS A 240 1.56 -3.53 11.54
N LEU A 241 0.99 -3.19 12.70
CA LEU A 241 -0.29 -3.68 13.10
C LEU A 241 -1.44 -3.04 12.31
N ILE A 242 -1.52 -1.71 12.21
CA ILE A 242 -2.56 -1.08 11.35
C ILE A 242 -2.37 -1.53 9.87
N GLY A 243 -1.11 -1.64 9.40
CA GLY A 243 -0.84 -2.18 8.02
C GLY A 243 -1.37 -3.59 7.75
N GLU A 244 -1.21 -4.47 8.72
CA GLU A 244 -1.69 -5.80 8.58
C GLU A 244 -3.21 -5.80 8.53
N TYR A 245 -3.83 -5.04 9.41
CA TYR A 245 -5.28 -4.93 9.36
C TYR A 245 -5.75 -4.40 7.99
N PHE A 246 -5.07 -3.37 7.47
CA PHE A 246 -5.38 -2.80 6.18
C PHE A 246 -5.34 -3.88 5.11
N GLN A 247 -4.33 -4.73 5.15
CA GLN A 247 -4.25 -5.78 4.15
C GLN A 247 -5.30 -6.86 4.38
N VAL A 248 -5.61 -7.14 5.63
CA VAL A 248 -6.70 -8.14 5.85
C VAL A 248 -7.99 -7.65 5.26
N GLN A 249 -8.33 -6.39 5.48
CA GLN A 249 -9.45 -5.74 4.85
C GLN A 249 -9.42 -5.87 3.36
N ASP A 250 -8.27 -5.59 2.74
CA ASP A 250 -8.11 -5.75 1.27
C ASP A 250 -8.43 -7.18 0.81
N ASP A 251 -7.95 -8.18 1.56
CA ASP A 251 -8.19 -9.57 1.19
C ASP A 251 -9.70 -9.90 1.24
N VAL A 252 -10.37 -9.45 2.29
CA VAL A 252 -11.84 -9.68 2.45
C VAL A 252 -12.54 -9.04 1.28
N MET A 253 -12.19 -7.77 1.01
CA MET A 253 -12.80 -7.05 -0.10
C MET A 253 -12.61 -7.70 -1.51
N ASP A 254 -11.44 -8.28 -1.76
CA ASP A 254 -11.12 -8.95 -3.02
C ASP A 254 -12.19 -9.97 -3.37
N CYS A 255 -12.63 -10.73 -2.36
CA CYS A 255 -13.68 -11.74 -2.54
C CYS A 255 -15.10 -11.20 -2.40
N PHE A 256 -15.34 -10.39 -1.37
CA PHE A 256 -16.68 -10.04 -1.00
C PHE A 256 -17.20 -8.66 -1.37
N THR A 257 -16.37 -7.73 -1.85
CA THR A 257 -16.90 -6.40 -2.15
C THR A 257 -17.15 -6.29 -3.62
N PRO A 258 -18.38 -5.90 -4.02
CA PRO A 258 -18.62 -5.82 -5.47
C PRO A 258 -17.69 -4.86 -6.22
N PRO A 259 -17.26 -5.26 -7.44
CA PRO A 259 -16.28 -4.47 -8.16
C PRO A 259 -16.69 -3.04 -8.37
N GLU A 260 -18.00 -2.77 -8.51
CA GLU A 260 -18.50 -1.39 -8.73
C GLU A 260 -18.13 -0.49 -7.57
N GLN A 261 -18.15 -1.07 -6.37
CA GLN A 261 -17.78 -0.38 -5.14
C GLN A 261 -16.27 -0.32 -4.92
N LEU A 262 -15.61 -1.47 -5.07
CA LEU A 262 -14.20 -1.60 -4.75
C LEU A 262 -13.32 -0.87 -5.76
N GLY A 263 -13.75 -0.87 -7.03
CA GLY A 263 -12.93 -0.24 -8.06
C GLY A 263 -11.86 -1.19 -8.58
N LYS A 264 -11.86 -2.38 -8.03
CA LYS A 264 -11.08 -3.45 -8.63
C LYS A 264 -11.85 -4.77 -8.75
N VAL A 265 -11.32 -5.64 -9.58
CA VAL A 265 -11.89 -6.98 -9.80
C VAL A 265 -10.97 -8.01 -9.11
N GLY A 266 -11.54 -8.78 -8.15
CA GLY A 266 -10.75 -9.68 -7.30
C GLY A 266 -10.11 -10.82 -8.08
N THR A 267 -8.87 -11.21 -7.73
CA THR A 267 -8.17 -12.33 -8.40
C THR A 267 -7.50 -13.30 -7.39
N ASP A 268 -7.66 -13.08 -6.08
CA ASP A 268 -6.86 -13.83 -5.10
C ASP A 268 -7.19 -15.31 -5.17
N ILE A 269 -8.48 -15.66 -5.32
CA ILE A 269 -8.86 -17.09 -5.38
C ILE A 269 -8.25 -17.73 -6.63
N GLU A 270 -8.44 -17.09 -7.79
CA GLU A 270 -7.86 -17.62 -9.00
C GLU A 270 -6.35 -17.66 -9.04
N ASP A 271 -5.69 -16.66 -8.47
CA ASP A 271 -4.21 -16.65 -8.38
C ASP A 271 -3.63 -17.54 -7.25
N ALA A 272 -4.51 -18.10 -6.44
CA ALA A 272 -4.11 -19.01 -5.35
C ALA A 272 -3.32 -18.33 -4.23
N LYS A 273 -3.64 -17.05 -4.00
CA LYS A 273 -2.94 -16.25 -3.03
C LYS A 273 -3.14 -16.79 -1.64
N CYS A 274 -2.14 -16.56 -0.83
CA CYS A 274 -2.21 -16.76 0.58
C CYS A 274 -2.91 -15.53 1.21
N SER A 275 -4.20 -15.48 1.01
CA SER A 275 -5.02 -14.46 1.60
C SER A 275 -5.50 -14.77 3.00
N TRP A 276 -6.00 -13.71 3.69
CA TRP A 276 -6.46 -13.90 5.05
C TRP A 276 -7.64 -14.84 5.06
N LEU A 277 -8.48 -14.78 4.01
CA LEU A 277 -9.65 -15.71 3.89
C LEU A 277 -9.18 -17.18 3.81
N ALA A 278 -8.18 -17.45 2.98
CA ALA A 278 -7.78 -18.84 2.75
C ALA A 278 -7.12 -19.39 4.03
N VAL A 279 -6.27 -18.60 4.65
CA VAL A 279 -5.59 -19.02 5.86
C VAL A 279 -6.61 -19.26 7.01
N THR A 280 -7.59 -18.37 7.13
CA THR A 280 -8.53 -18.39 8.22
C THR A 280 -9.53 -19.52 8.04
N PHE A 281 -10.00 -19.67 6.79
CA PHE A 281 -10.79 -20.82 6.43
C PHE A 281 -10.07 -22.12 6.86
N LEU A 282 -8.80 -22.26 6.47
CA LEU A 282 -8.01 -23.47 6.79
C LEU A 282 -7.73 -23.66 8.27
N GLY A 283 -7.93 -22.58 9.03
CA GLY A 283 -7.70 -22.53 10.48
C GLY A 283 -8.91 -23.10 11.24
N LYS A 284 -10.02 -23.29 10.52
CA LYS A 284 -11.26 -23.77 11.18
C LYS A 284 -12.06 -24.85 10.41
N ALA A 285 -11.66 -25.18 9.18
CA ALA A 285 -12.41 -26.16 8.35
C ALA A 285 -12.27 -27.60 8.86
N ASN A 286 -13.29 -28.46 8.66
CA ASN A 286 -13.14 -29.90 8.97
C ASN A 286 -12.52 -30.59 7.76
N ALA A 287 -12.34 -31.91 7.83
CA ALA A 287 -11.54 -32.59 6.80
C ALA A 287 -12.21 -32.51 5.40
N ALA A 288 -13.50 -32.56 5.37
CA ALA A 288 -14.21 -32.51 4.10
C ALA A 288 -14.15 -31.14 3.45
N GLN A 289 -14.25 -30.10 4.28
CA GLN A 289 -14.17 -28.72 3.77
C GLN A 289 -12.78 -28.43 3.17
N VAL A 290 -11.74 -28.90 3.85
CA VAL A 290 -10.35 -28.75 3.45
C VAL A 290 -10.20 -29.41 2.08
N ALA A 291 -10.68 -30.65 1.99
CA ALA A 291 -10.70 -31.46 0.76
C ALA A 291 -11.33 -30.73 -0.46
N GLU A 292 -12.49 -30.13 -0.23
CA GLU A 292 -13.23 -29.39 -1.27
C GLU A 292 -12.56 -28.07 -1.66
N PHE A 293 -12.01 -27.40 -0.63
CA PHE A 293 -11.17 -26.22 -0.87
C PHE A 293 -10.02 -26.60 -1.81
N LYS A 294 -9.26 -27.64 -1.43
CA LYS A 294 -8.17 -28.11 -2.26
C LYS A 294 -8.55 -28.48 -3.71
N ALA A 295 -9.71 -29.10 -3.88
CA ALA A 295 -10.20 -29.43 -5.25
C ALA A 295 -10.62 -28.22 -6.12
N ASN A 296 -10.77 -27.04 -5.50
CA ASN A 296 -11.24 -25.83 -6.24
C ASN A 296 -10.37 -24.59 -6.23
N TYR A 297 -9.48 -24.48 -5.25
CA TYR A 297 -8.68 -23.28 -5.13
C TYR A 297 -7.68 -23.08 -6.28
N GLY A 298 -7.51 -21.82 -6.70
CA GLY A 298 -6.41 -21.43 -7.57
C GLY A 298 -6.66 -21.80 -9.02
N ASP A 299 -7.92 -21.72 -9.42
CA ASP A 299 -8.31 -21.95 -10.81
C ASP A 299 -9.19 -20.81 -11.32
N LYS A 300 -8.92 -20.36 -12.55
CA LYS A 300 -9.68 -19.33 -13.27
C LYS A 300 -11.16 -19.68 -13.45
N ASP A 301 -11.46 -20.97 -13.46
CA ASP A 301 -12.80 -21.47 -13.71
C ASP A 301 -13.82 -20.85 -12.77
N PRO A 302 -14.80 -20.13 -13.31
CA PRO A 302 -15.75 -19.43 -12.44
C PRO A 302 -16.53 -20.36 -11.53
N ALA A 303 -16.71 -21.63 -11.94
CA ALA A 303 -17.50 -22.59 -11.11
C ALA A 303 -16.63 -22.96 -9.92
N LYS A 304 -15.34 -23.09 -10.17
CA LYS A 304 -14.40 -23.40 -9.08
C LYS A 304 -14.27 -22.26 -8.08
N VAL A 305 -14.16 -21.02 -8.60
CA VAL A 305 -14.15 -19.80 -7.78
C VAL A 305 -15.43 -19.70 -6.90
N ALA A 306 -16.60 -19.96 -7.50
CA ALA A 306 -17.86 -19.94 -6.77
C ALA A 306 -17.90 -20.94 -5.64
N VAL A 307 -17.37 -22.15 -5.84
CA VAL A 307 -17.27 -23.14 -4.73
C VAL A 307 -16.45 -22.63 -3.54
N VAL A 308 -15.29 -22.05 -3.84
CA VAL A 308 -14.44 -21.45 -2.78
C VAL A 308 -15.21 -20.36 -2.03
N LYS A 309 -15.86 -19.43 -2.74
CA LYS A 309 -16.71 -18.38 -2.10
C LYS A 309 -17.83 -18.94 -1.23
N ARG A 310 -18.50 -19.97 -1.75
CA ARG A 310 -19.47 -20.73 -0.96
C ARG A 310 -18.83 -21.31 0.28
N LEU A 311 -17.69 -21.97 0.14
CA LEU A 311 -17.00 -22.52 1.34
C LEU A 311 -16.73 -21.41 2.35
N TYR A 312 -16.28 -20.25 1.86
CA TYR A 312 -16.01 -19.08 2.73
C TYR A 312 -17.22 -18.55 3.50
N SER A 313 -18.32 -18.33 2.78
CA SER A 313 -19.62 -17.97 3.38
C SER A 313 -20.08 -18.97 4.44
N GLU A 314 -20.02 -20.27 4.13
CA GLU A 314 -20.48 -21.30 5.08
C GLU A 314 -19.58 -21.39 6.28
N ALA A 315 -18.30 -21.03 6.09
CA ALA A 315 -17.37 -21.15 7.18
C ALA A 315 -17.53 -20.02 8.16
N ASN A 316 -18.48 -19.12 7.91
CA ASN A 316 -18.75 -18.02 8.86
C ASN A 316 -17.48 -17.18 9.19
N LEU A 317 -16.73 -16.76 8.16
CA LEU A 317 -15.45 -16.02 8.36
C LEU A 317 -15.70 -14.62 8.91
N GLN A 318 -16.98 -14.20 8.91
CA GLN A 318 -17.34 -12.88 9.43
C GLN A 318 -17.26 -12.94 10.95
N ALA A 319 -17.51 -14.10 11.57
CA ALA A 319 -17.10 -14.24 12.99
C ALA A 319 -15.59 -14.10 13.18
N ASP A 320 -14.81 -14.69 12.30
CA ASP A 320 -13.37 -14.65 12.51
C ASP A 320 -12.88 -13.22 12.30
N PHE A 321 -13.40 -12.57 11.25
CA PHE A 321 -13.03 -11.17 11.01
C PHE A 321 -13.33 -10.28 12.24
N ALA A 322 -14.49 -10.50 12.87
CA ALA A 322 -14.91 -9.73 14.02
C ALA A 322 -14.00 -9.98 15.17
N ALA A 323 -13.59 -11.23 15.40
CA ALA A 323 -12.73 -11.48 16.52
C ALA A 323 -11.32 -10.88 16.25
N TYR A 324 -10.75 -11.07 15.04
CA TYR A 324 -9.49 -10.39 14.60
C TYR A 324 -9.57 -8.85 14.76
N GLU A 325 -10.59 -8.23 14.21
CA GLU A 325 -10.75 -6.78 14.36
C GLU A 325 -10.78 -6.30 15.81
N ALA A 326 -11.52 -7.05 16.64
CA ALA A 326 -11.61 -6.68 18.07
C ALA A 326 -10.27 -6.77 18.76
N GLU A 327 -9.48 -7.75 18.33
CA GLU A 327 -8.16 -7.88 18.88
C GLU A 327 -7.26 -6.68 18.46
N VAL A 328 -7.32 -6.36 17.17
CA VAL A 328 -6.50 -5.22 16.67
C VAL A 328 -6.98 -3.90 17.32
N VAL A 329 -8.27 -3.76 17.47
CA VAL A 329 -8.76 -2.50 18.12
C VAL A 329 -8.07 -2.42 19.48
N ARG A 330 -7.96 -3.56 20.19
CA ARG A 330 -7.37 -3.60 21.52
C ARG A 330 -5.93 -3.16 21.43
N GLU A 331 -5.20 -3.83 20.52
CA GLU A 331 -3.76 -3.59 20.38
C GLU A 331 -3.39 -2.17 19.89
N VAL A 332 -4.15 -1.64 18.94
CA VAL A 332 -3.92 -0.30 18.43
C VAL A 332 -4.17 0.77 19.54
N GLU A 333 -5.27 0.62 20.26
CA GLU A 333 -5.58 1.57 21.32
C GLU A 333 -4.46 1.54 22.35
N SER A 334 -3.97 0.34 22.68
CA SER A 334 -2.92 0.15 23.67
C SER A 334 -1.63 0.88 23.18
N LEU A 335 -1.35 0.75 21.88
CA LEU A 335 -0.15 1.42 21.32
C LEU A 335 -0.32 2.93 21.31
N ILE A 336 -1.52 3.38 21.01
CA ILE A 336 -1.78 4.82 21.03
C ILE A 336 -1.56 5.34 22.43
N GLU A 337 -2.07 4.60 23.43
CA GLU A 337 -1.85 5.05 24.84
C GLU A 337 -0.37 5.13 25.19
N GLN A 338 0.43 4.16 24.73
CA GLN A 338 1.88 4.22 24.95
C GLN A 338 2.48 5.41 24.19
N LEU A 339 1.99 5.71 22.98
CA LEU A 339 2.58 6.85 22.22
C LEU A 339 2.38 8.16 22.94
N LYS A 340 1.28 8.27 23.68
CA LYS A 340 0.98 9.56 24.33
C LYS A 340 1.93 9.94 25.43
N VAL A 341 2.71 9.01 26.00
CA VAL A 341 3.67 9.32 27.06
C VAL A 341 4.68 10.39 26.54
N LYS A 342 5.18 10.22 25.31
CA LYS A 342 6.13 11.18 24.78
C LYS A 342 5.52 12.14 23.75
N SER A 343 4.39 11.77 23.15
CA SER A 343 3.93 12.40 21.93
C SER A 343 2.39 12.47 21.85
N PRO A 344 1.72 13.29 22.70
CA PRO A 344 0.26 13.32 22.61
C PRO A 344 -0.23 13.65 21.21
N THR A 345 0.52 14.52 20.54
CA THR A 345 0.14 15.00 19.21
C THR A 345 0.25 13.92 18.15
N PHE A 346 1.35 13.17 18.17
CA PHE A 346 1.50 12.08 17.24
C PHE A 346 0.48 10.98 17.55
N ALA A 347 0.21 10.70 18.84
CA ALA A 347 -0.77 9.64 19.20
C ALA A 347 -2.10 9.96 18.60
N GLU A 348 -2.48 11.25 18.62
CA GLU A 348 -3.80 11.66 18.06
C GLU A 348 -3.84 11.50 16.53
N SER A 349 -2.70 11.76 15.89
CA SER A 349 -2.58 11.47 14.45
C SER A 349 -2.77 10.01 14.15
N VAL A 350 -2.10 9.16 14.92
CA VAL A 350 -2.29 7.72 14.78
C VAL A 350 -3.75 7.35 15.04
N ALA A 351 -4.35 7.98 16.06
CA ALA A 351 -5.79 7.68 16.31
C ALA A 351 -6.67 7.98 15.08
N VAL A 352 -6.47 9.13 14.47
CA VAL A 352 -7.19 9.50 13.24
C VAL A 352 -6.87 8.53 12.10
N VAL A 353 -5.61 8.22 11.89
CA VAL A 353 -5.25 7.28 10.83
C VAL A 353 -5.97 5.94 11.07
N TRP A 354 -5.95 5.49 12.31
CA TRP A 354 -6.61 4.23 12.63
C TRP A 354 -8.13 4.30 12.33
N GLU A 355 -8.73 5.43 12.70
CA GLU A 355 -10.15 5.57 12.57
C GLU A 355 -10.58 5.55 11.10
N LYS A 356 -9.87 6.33 10.30
CA LYS A 356 -10.09 6.33 8.85
C LYS A 356 -9.88 4.94 8.22
N THR A 357 -8.83 4.24 8.63
CA THR A 357 -8.56 2.88 8.10
C THR A 357 -9.70 1.91 8.44
N HIS A 358 -10.09 1.92 9.71
CA HIS A 358 -11.01 0.93 10.30
C HIS A 358 -12.38 1.04 9.66
N LYS A 359 -12.78 2.27 9.31
CA LYS A 359 -14.05 2.53 8.70
C LYS A 359 -14.08 2.55 7.16
N ARG A 360 -12.97 2.24 6.46
CA ARG A 360 -12.97 2.34 5.01
C ARG A 360 -13.80 1.18 4.43
N LYS A 361 -14.39 1.42 3.27
CA LYS A 361 -15.20 0.41 2.56
C LYS A 361 -14.59 0.17 1.19
N LYS A 362 -13.35 0.66 1.06
CA LYS A 362 -12.69 1.16 -0.16
C LYS A 362 -13.40 1.31 -1.51
#